data_5W9S
#
_entry.id   5W9S
#
_cell.length_a   40.110
_cell.length_b   40.110
_cell.length_c   81.200
_cell.angle_alpha   90.000
_cell.angle_beta   90.000
_cell.angle_gamma   120.000
#
_symmetry.space_group_name_H-M   'P 32'
#
loop_
_entity.id
_entity.type
_entity.pdbx_description
1 polymer 'CpG DNA fragment'
2 polymer 'CXXC-type zinc finger protein 5'
3 non-polymer 'ZINC ION'
4 non-polymer 'SULFATE ION'
5 non-polymer 'UNKNOWN ATOM OR ION'
6 water water
#
loop_
_entity_poly.entity_id
_entity_poly.type
_entity_poly.pdbx_seq_one_letter_code
_entity_poly.pdbx_strand_id
1 'polydeoxyribonucleotide' (DG)(DC)(DC)(DA)(DA)(DC)(DG)(DT)(DT)(DG)(DG)(DC) A,B
2 'polypeptide(L)' MHHHHHHSSGRENLYFQGSSGKKKRKRCGMCAPCRRRINCEQCSSCRNRKTGHQICKFRKCEELKKKPSAA C
#
loop_
_chem_comp.id
_chem_comp.type
_chem_comp.name
_chem_comp.formula
DA DNA linking 2'-DEOXYADENOSINE-5'-MONOPHOSPHATE 'C10 H14 N5 O6 P'
DC DNA linking 2'-DEOXYCYTIDINE-5'-MONOPHOSPHATE 'C9 H14 N3 O7 P'
DG DNA linking 2'-DEOXYGUANOSINE-5'-MONOPHOSPHATE 'C10 H14 N5 O7 P'
DT DNA linking THYMIDINE-5'-MONOPHOSPHATE 'C10 H15 N2 O8 P'
SO4 non-polymer 'SULFATE ION' 'O4 S -2'
UNX non-polymer 'UNKNOWN ATOM OR ION' ?
ZN non-polymer 'ZINC ION' 'Zn 2'
#
# COMPACT_ATOMS: atom_id res chain seq x y z
N LYS C 23 9.73 -12.81 10.73
CA LYS C 23 8.83 -12.95 9.55
C LYS C 23 8.18 -11.61 9.28
N LYS C 24 8.05 -11.25 7.99
CA LYS C 24 7.53 -9.99 7.62
C LYS C 24 6.06 -9.87 8.02
N ARG C 25 5.63 -8.68 8.45
CA ARG C 25 4.23 -8.50 8.91
C ARG C 25 3.28 -8.46 7.72
N LYS C 26 2.01 -8.74 8.03
CA LYS C 26 0.90 -8.82 7.11
C LYS C 26 -0.05 -7.68 7.30
N ARG C 27 -0.69 -7.29 6.21
CA ARG C 27 -1.73 -6.25 6.19
C ARG C 27 -2.85 -6.62 7.17
N CYS C 28 -3.53 -5.64 7.77
CA CYS C 28 -4.55 -5.95 8.76
C CYS C 28 -5.86 -6.35 8.12
N GLY C 29 -6.08 -5.94 6.86
CA GLY C 29 -7.31 -6.28 6.14
C GLY C 29 -8.49 -5.38 6.46
N MET C 30 -8.43 -4.64 7.57
CA MET C 30 -9.57 -3.91 8.11
C MET C 30 -9.52 -2.43 7.89
N CYS C 31 -8.34 -1.82 7.99
CA CYS C 31 -8.26 -0.37 7.91
C CYS C 31 -8.77 0.12 6.49
N ALA C 32 -9.07 1.43 6.38
CA ALA C 32 -9.55 1.96 5.10
C ALA C 32 -8.56 1.66 3.95
N PRO C 33 -7.25 1.89 4.16
CA PRO C 33 -6.31 1.52 3.05
C PRO C 33 -6.42 0.03 2.61
N CYS C 34 -6.34 -0.92 3.55
CA CYS C 34 -6.59 -2.33 3.27
C CYS C 34 -7.85 -2.69 2.49
N ARG C 35 -8.98 -2.00 2.74
CA ARG C 35 -10.21 -2.26 1.95
C ARG C 35 -10.14 -1.80 0.49
N ARG C 36 -9.26 -0.84 0.17
CA ARG C 36 -9.11 -0.38 -1.21
C ARG C 36 -8.69 -1.62 -1.99
N ARG C 37 -9.11 -1.71 -3.24
CA ARG C 37 -8.97 -2.89 -4.05
C ARG C 37 -8.16 -2.66 -5.26
N ILE C 38 -7.91 -1.39 -5.66
CA ILE C 38 -7.16 -1.10 -6.83
C ILE C 38 -6.16 0.04 -6.58
N ASN C 39 -5.19 0.14 -7.48
CA ASN C 39 -4.12 1.10 -7.36
C ASN C 39 -4.47 2.44 -7.93
N CYS C 40 -4.06 3.52 -7.25
CA CYS C 40 -4.39 4.87 -7.74
C CYS C 40 -3.65 5.17 -9.06
N GLU C 41 -2.49 4.58 -9.29
CA GLU C 41 -1.64 4.89 -10.48
C GLU C 41 -1.14 6.36 -10.56
N GLN C 42 -1.40 7.21 -9.56
CA GLN C 42 -0.96 8.62 -9.56
C GLN C 42 0.15 8.94 -8.50
N CYS C 43 0.35 8.05 -7.53
CA CYS C 43 1.29 8.32 -6.43
C CYS C 43 2.71 7.89 -6.80
N SER C 44 3.68 8.44 -6.09
CA SER C 44 5.09 8.01 -6.25
C SER C 44 5.29 6.47 -6.24
N SER C 45 4.65 5.80 -5.27
CA SER C 45 4.81 4.35 -5.11
C SER C 45 4.27 3.63 -6.29
N CYS C 46 3.10 4.07 -6.75
CA CYS C 46 2.50 3.49 -7.97
C CYS C 46 3.37 3.78 -9.19
N ARG C 47 3.76 5.04 -9.34
CA ARG C 47 4.62 5.48 -10.46
C ARG C 47 6.00 4.76 -10.51
N ASN C 48 6.61 4.48 -9.34
CA ASN C 48 7.95 3.89 -9.32
C ASN C 48 8.06 2.44 -8.94
N ARG C 49 6.92 1.74 -9.04
CA ARG C 49 6.76 0.38 -8.66
C ARG C 49 7.84 -0.52 -9.18
N LYS C 50 8.15 -0.40 -10.48
CA LYS C 50 9.21 -1.17 -11.11
C LYS C 50 10.51 -1.10 -10.31
N THR C 51 10.86 0.06 -9.77
CA THR C 51 12.10 0.21 -8.99
C THR C 51 11.90 0.20 -7.47
N GLY C 52 10.85 0.83 -7.02
CA GLY C 52 10.54 0.94 -5.58
C GLY C 52 9.84 -0.27 -4.92
N HIS C 53 9.19 -1.11 -5.69
CA HIS C 53 8.44 -2.31 -5.17
C HIS C 53 7.43 -2.01 -4.03
N GLN C 54 6.90 -0.78 -3.93
CA GLN C 54 5.98 -0.49 -2.84
C GLN C 54 4.50 -0.54 -3.26
N ILE C 55 3.66 -0.75 -2.27
CA ILE C 55 2.19 -0.69 -2.46
C ILE C 55 1.76 0.76 -2.72
N CYS C 56 0.69 0.97 -3.47
CA CYS C 56 0.05 2.30 -3.58
C CYS C 56 0.02 3.00 -2.23
N LYS C 57 0.31 4.30 -2.21
CA LYS C 57 0.30 5.05 -0.94
C LYS C 57 -1.07 5.01 -0.30
N PHE C 58 -2.13 5.02 -1.11
CA PHE C 58 -3.53 5.00 -0.58
C PHE C 58 -3.97 3.62 -0.07
N ARG C 59 -3.18 2.59 -0.34
CA ARG C 59 -3.47 1.21 0.14
C ARG C 59 -2.59 0.73 1.29
N LYS C 60 -1.51 1.46 1.60
CA LYS C 60 -0.62 1.02 2.65
C LYS C 60 -1.38 0.92 3.94
N CYS C 61 -1.25 -0.23 4.58
CA CYS C 61 -2.00 -0.57 5.77
C CYS C 61 -1.62 0.39 6.93
N GLU C 62 -2.61 0.87 7.67
CA GLU C 62 -2.34 1.85 8.71
C GLU C 62 -1.38 1.23 9.72
N GLU C 63 -1.61 -0.05 10.05
CA GLU C 63 -0.81 -0.71 11.08
C GLU C 63 0.61 -1.01 10.66
N LEU C 64 0.92 -0.99 9.36
CA LEU C 64 2.30 -1.23 8.87
C LEU C 64 3.17 0.04 8.71
N LYS C 65 2.61 1.21 9.01
CA LYS C 65 3.39 2.43 9.01
C LYS C 65 4.16 2.57 10.32
N LYS C 66 3.56 2.14 11.44
CA LYS C 66 4.19 2.26 12.77
C LYS C 66 4.99 1.00 13.12
ZN ZN D . -4.78 -2.36 7.31
ZN ZN E . -1.03 4.79 -5.86
S SO4 F . 9.31 10.77 -9.74
O1 SO4 F . 8.06 11.53 -9.92
O2 SO4 F . 9.03 9.42 -9.19
O3 SO4 F . 10.17 11.49 -8.74
O4 SO4 F . 9.98 10.64 -11.06
UNK UNX G . -0.06 -2.56 3.14
#